data_1B8N
#
_entry.id   1B8N
#
_cell.length_a   90.320
_cell.length_b   90.320
_cell.length_c   90.320
_cell.angle_alpha   90.00
_cell.angle_beta   90.00
_cell.angle_gamma   90.00
#
_symmetry.space_group_name_H-M   'P 21 3'
#
loop_
_entity.id
_entity.type
_entity.pdbx_description
1 polymer 'PURINE NUCLEOSIDE PHOSPHORYLASE'
2 non-polymer 'MAGNESIUM ION'
3 non-polymer 'PHOSPHATE ION'
4 non-polymer 1,4-DIDEOXY-1,4-IMINO-1-(S)-(9-DEAZAGUANIN-9-YL)-D-RIBITOL
5 water water
#
_entity_poly.entity_id   1
_entity_poly.type   'polypeptide(L)'
_entity_poly.pdbx_seq_one_letter_code
;MQNGYTYEDYQDTAKWLLSHTEQRPQVAVICGSGLGGLVNKLTQAQTFDYSEIPNFPESTVPGHAGRLVFGILNGRACVM
MQGRFHMYEGYPFWKVTFPVRVFRLLGVETLVVTNAAGGLNPNFEVGDIMLIRDHINLPGFSGENPLRGPNEERFGVRFP
AMSDAYDRDMRQKAHSTWKQMGEQRELQEGTYVMLGGPNFETVAECRLLRNLGADAVGMSTVPEVIVARHCGLRVFGFSL
ITNKVIMDYESQGKANHEEVLEAGKQAAQKLEQFVSLLMASIPV
;
_entity_poly.pdbx_strand_id   A
#
loop_
_chem_comp.id
_chem_comp.type
_chem_comp.name
_chem_comp.formula
IMG non-polymer 1,4-DIDEOXY-1,4-IMINO-1-(S)-(9-DEAZAGUANIN-9-YL)-D-RIBITOL 'C11 H15 N5 O4'
MG non-polymer 'MAGNESIUM ION' 'Mg 2'
PO4 non-polymer 'PHOSPHATE ION' 'O4 P -3'
#
# COMPACT_ATOMS: atom_id res chain seq x y z
N GLN A 2 4.81 -22.01 -8.30
CA GLN A 2 5.11 -20.56 -8.15
C GLN A 2 5.07 -20.11 -6.68
N ASN A 3 3.90 -19.75 -6.18
CA ASN A 3 3.77 -19.33 -4.79
C ASN A 3 4.34 -20.47 -3.94
N GLY A 4 5.26 -20.13 -3.05
CA GLY A 4 5.89 -21.13 -2.20
C GLY A 4 5.28 -21.35 -0.82
N TYR A 5 4.27 -20.59 -0.45
CA TYR A 5 3.62 -20.76 0.85
C TYR A 5 2.40 -21.67 0.75
N THR A 6 2.28 -22.55 1.72
CA THR A 6 1.17 -23.49 1.79
C THR A 6 0.05 -22.80 2.56
N TYR A 7 -1.17 -23.30 2.39
CA TYR A 7 -2.30 -22.72 3.11
C TYR A 7 -1.97 -22.73 4.61
N GLU A 8 -1.38 -23.82 5.05
CA GLU A 8 -1.01 -24.00 6.45
C GLU A 8 0.01 -22.99 6.94
N ASP A 9 0.86 -22.46 6.04
CA ASP A 9 1.87 -21.46 6.43
C ASP A 9 1.19 -20.17 6.91
N TYR A 10 0.19 -19.75 6.15
CA TYR A 10 -0.60 -18.57 6.45
C TYR A 10 -1.34 -18.80 7.75
N GLN A 11 -1.88 -20.01 7.89
CA GLN A 11 -2.59 -20.40 9.10
C GLN A 11 -1.66 -20.33 10.30
N ASP A 12 -0.52 -20.99 10.19
CA ASP A 12 0.47 -21.01 11.25
C ASP A 12 0.74 -19.63 11.76
N THR A 13 1.01 -18.71 10.85
CA THR A 13 1.32 -17.34 11.23
C THR A 13 0.12 -16.60 11.86
N ALA A 14 -1.09 -16.82 11.34
CA ALA A 14 -2.29 -16.16 11.88
C ALA A 14 -2.53 -16.69 13.29
N LYS A 15 -2.21 -17.97 13.47
CA LYS A 15 -2.34 -18.67 14.75
C LYS A 15 -1.38 -18.02 15.73
N TRP A 16 -0.16 -17.80 15.27
CA TRP A 16 0.85 -17.18 16.11
C TRP A 16 0.38 -15.82 16.60
N LEU A 17 -0.04 -14.97 15.67
CA LEU A 17 -0.49 -13.64 16.04
C LEU A 17 -1.72 -13.63 16.97
N LEU A 18 -2.70 -14.49 16.67
CA LEU A 18 -3.91 -14.59 17.48
C LEU A 18 -3.63 -15.02 18.94
N SER A 19 -2.55 -15.77 19.16
CA SER A 19 -2.21 -16.22 20.50
C SER A 19 -1.22 -15.31 21.24
N HIS A 20 -0.74 -14.26 20.58
CA HIS A 20 0.23 -13.35 21.20
C HIS A 20 -0.32 -11.97 21.46
N THR A 21 -1.56 -11.74 21.02
CA THR A 21 -2.25 -10.47 21.22
C THR A 21 -3.74 -10.76 21.37
N GLU A 22 -4.44 -9.96 22.14
CA GLU A 22 -5.87 -10.17 22.29
C GLU A 22 -6.58 -9.39 21.20
N GLN A 23 -5.86 -8.46 20.59
CA GLN A 23 -6.40 -7.62 19.55
C GLN A 23 -7.02 -8.41 18.39
N ARG A 24 -8.22 -8.01 17.99
CA ARG A 24 -8.90 -8.67 16.88
C ARG A 24 -9.19 -7.55 15.88
N PRO A 25 -8.19 -7.19 15.05
CA PRO A 25 -8.33 -6.13 14.05
C PRO A 25 -9.34 -6.41 12.96
N GLN A 26 -10.07 -5.36 12.60
CA GLN A 26 -11.08 -5.43 11.57
C GLN A 26 -10.59 -4.69 10.30
N VAL A 27 -9.57 -3.86 10.47
CA VAL A 27 -9.04 -3.07 9.38
C VAL A 27 -7.51 -3.22 9.35
N ALA A 28 -6.92 -3.21 8.16
CA ALA A 28 -5.48 -3.33 7.99
C ALA A 28 -4.98 -2.13 7.19
N VAL A 29 -3.88 -1.52 7.61
CA VAL A 29 -3.32 -0.37 6.91
C VAL A 29 -1.86 -0.73 6.61
N ILE A 30 -1.41 -0.54 5.38
CA ILE A 30 -0.03 -0.82 5.01
C ILE A 30 0.63 0.54 4.78
N CYS A 31 1.59 0.91 5.63
CA CYS A 31 2.23 2.23 5.51
C CYS A 31 3.46 2.26 4.62
N GLY A 32 3.37 3.00 3.51
CA GLY A 32 4.47 3.11 2.56
C GLY A 32 5.66 3.92 3.01
N SER A 33 6.56 4.29 2.10
CA SER A 33 7.75 5.06 2.44
C SER A 33 7.46 6.38 3.14
N GLY A 34 8.13 6.59 4.26
CA GLY A 34 7.96 7.81 5.03
C GLY A 34 6.56 7.99 5.62
N LEU A 35 5.80 6.90 5.69
CA LEU A 35 4.44 6.98 6.22
C LEU A 35 4.24 6.18 7.50
N GLY A 36 5.34 5.83 8.17
CA GLY A 36 5.27 5.04 9.38
C GLY A 36 4.60 5.72 10.56
N GLY A 37 4.56 7.03 10.52
CA GLY A 37 3.95 7.78 11.61
C GLY A 37 2.47 7.55 11.80
N LEU A 38 1.81 6.92 10.82
CA LEU A 38 0.38 6.66 10.93
C LEU A 38 0.10 5.66 12.08
N VAL A 39 1.17 5.14 12.67
CA VAL A 39 1.09 4.20 13.76
C VAL A 39 0.89 4.92 15.10
N ASN A 40 1.45 6.11 15.16
CA ASN A 40 1.47 6.96 16.35
C ASN A 40 0.24 7.16 17.21
N LYS A 41 -0.95 7.16 16.62
CA LYS A 41 -2.17 7.41 17.38
C LYS A 41 -2.90 6.19 17.91
N LEU A 42 -2.40 5.00 17.61
CA LEU A 42 -3.05 3.78 18.06
C LEU A 42 -3.01 3.67 19.57
N THR A 43 -4.12 3.22 20.15
CA THR A 43 -4.22 3.02 21.60
C THR A 43 -4.21 1.50 21.81
N GLN A 44 -3.80 1.05 23.00
CA GLN A 44 -3.72 -0.38 23.32
C GLN A 44 -2.84 -1.07 22.30
N ALA A 45 -1.87 -0.31 21.81
CA ALA A 45 -0.93 -0.77 20.81
C ALA A 45 -0.04 -1.90 21.28
N GLN A 46 0.11 -2.90 20.43
CA GLN A 46 1.00 -4.01 20.69
C GLN A 46 1.79 -4.16 19.41
N THR A 47 3.12 -4.08 19.54
CA THR A 47 4.01 -4.16 18.42
C THR A 47 4.77 -5.48 18.32
N PHE A 48 5.01 -5.91 17.10
CA PHE A 48 5.79 -7.10 16.84
C PHE A 48 6.73 -6.71 15.71
N ASP A 49 8.01 -7.01 15.82
CA ASP A 49 8.94 -6.72 14.74
C ASP A 49 8.74 -7.82 13.71
N TYR A 50 8.87 -7.51 12.43
CA TYR A 50 8.68 -8.53 11.39
C TYR A 50 9.61 -9.71 11.65
N SER A 51 10.78 -9.44 12.20
CA SER A 51 11.78 -10.47 12.50
C SER A 51 11.32 -11.57 13.45
N GLU A 52 10.32 -11.26 14.27
CA GLU A 52 9.82 -12.22 15.25
C GLU A 52 8.58 -12.99 14.82
N ILE A 53 7.97 -12.58 13.70
CA ILE A 53 6.78 -13.24 13.18
C ILE A 53 7.21 -14.33 12.17
N PRO A 54 6.85 -15.62 12.42
CA PRO A 54 7.26 -16.67 11.48
C PRO A 54 6.76 -16.34 10.07
N ASN A 55 7.51 -16.81 9.07
CA ASN A 55 7.15 -16.60 7.67
C ASN A 55 7.12 -15.18 7.10
N PHE A 56 7.16 -14.16 7.96
CA PHE A 56 7.14 -12.77 7.50
C PHE A 56 8.44 -12.32 6.83
N PRO A 57 8.35 -11.57 5.72
CA PRO A 57 9.56 -11.09 5.04
C PRO A 57 10.08 -9.94 5.91
N GLU A 58 11.18 -9.31 5.52
CA GLU A 58 11.72 -8.23 6.32
C GLU A 58 11.84 -6.97 5.48
N SER A 59 11.50 -5.83 6.06
CA SER A 59 11.62 -4.55 5.37
C SER A 59 13.09 -4.14 5.37
N THR A 60 13.65 -3.79 4.21
CA THR A 60 15.05 -3.37 4.14
C THR A 60 15.19 -2.00 3.50
N VAL A 61 14.08 -1.31 3.30
CA VAL A 61 14.15 0.01 2.69
C VAL A 61 14.08 1.08 3.77
N PRO A 62 14.89 2.14 3.66
CA PRO A 62 14.86 3.20 4.67
C PRO A 62 13.48 3.82 4.66
N GLY A 63 12.94 4.08 5.84
CA GLY A 63 11.61 4.66 5.91
C GLY A 63 10.56 3.60 6.18
N HIS A 64 11.04 2.36 6.34
CA HIS A 64 10.19 1.21 6.64
C HIS A 64 10.69 0.56 7.94
N ALA A 65 9.97 0.80 9.04
CA ALA A 65 10.32 0.29 10.36
C ALA A 65 10.42 -1.20 10.41
N GLY A 66 9.53 -1.88 9.70
CA GLY A 66 9.52 -3.34 9.72
C GLY A 66 8.85 -3.87 10.99
N ARG A 67 7.73 -3.26 11.37
CA ARG A 67 6.97 -3.64 12.55
C ARG A 67 5.50 -3.73 12.20
N LEU A 68 4.81 -4.68 12.84
CA LEU A 68 3.37 -4.89 12.69
C LEU A 68 2.82 -4.38 14.03
N VAL A 69 1.94 -3.40 13.97
CA VAL A 69 1.37 -2.81 15.18
C VAL A 69 -0.14 -2.93 15.28
N PHE A 70 -0.63 -3.61 16.30
CA PHE A 70 -2.08 -3.72 16.52
C PHE A 70 -2.46 -2.61 17.49
N GLY A 71 -3.71 -2.18 17.45
CA GLY A 71 -4.17 -1.14 18.36
C GLY A 71 -5.55 -0.68 17.96
N ILE A 72 -6.00 0.42 18.58
CA ILE A 72 -7.30 1.02 18.30
C ILE A 72 -7.04 2.42 17.72
N LEU A 73 -7.75 2.76 16.67
CA LEU A 73 -7.60 4.05 16.03
C LEU A 73 -9.01 4.55 15.74
N ASN A 74 -9.34 5.70 16.32
CA ASN A 74 -10.66 6.32 16.18
C ASN A 74 -11.77 5.29 16.39
N GLY A 75 -11.64 4.51 17.45
CA GLY A 75 -12.63 3.50 17.77
C GLY A 75 -12.48 2.19 17.04
N ARG A 76 -11.81 2.20 15.89
CA ARG A 76 -11.66 0.98 15.13
C ARG A 76 -10.43 0.17 15.51
N ALA A 77 -10.59 -1.15 15.53
CA ALA A 77 -9.49 -2.07 15.82
C ALA A 77 -8.76 -2.30 14.50
N CYS A 78 -7.49 -1.89 14.46
CA CYS A 78 -6.67 -2.03 13.25
C CYS A 78 -5.31 -2.68 13.51
N VAL A 79 -4.68 -3.10 12.43
CA VAL A 79 -3.35 -3.67 12.49
C VAL A 79 -2.67 -2.92 11.36
N MET A 80 -1.50 -2.35 11.66
CA MET A 80 -0.75 -1.58 10.68
C MET A 80 0.58 -2.18 10.31
N MET A 81 0.88 -2.15 9.03
CA MET A 81 2.17 -2.62 8.56
C MET A 81 3.02 -1.36 8.50
N GLN A 82 3.84 -1.17 9.53
CA GLN A 82 4.71 -0.01 9.59
C GLN A 82 5.93 -0.38 8.79
N GLY A 83 5.79 -0.25 7.47
CA GLY A 83 6.84 -0.61 6.56
C GLY A 83 6.29 -1.77 5.77
N ARG A 84 6.68 -1.88 4.51
CA ARG A 84 6.20 -2.94 3.64
C ARG A 84 7.33 -3.61 2.88
N PHE A 85 7.00 -4.47 1.92
CA PHE A 85 7.99 -5.20 1.15
C PHE A 85 7.81 -4.90 -0.30
N HIS A 86 8.90 -4.97 -1.05
CA HIS A 86 8.86 -4.67 -2.46
C HIS A 86 9.60 -5.72 -3.25
N MET A 87 9.23 -5.82 -4.52
CA MET A 87 9.84 -6.74 -5.46
C MET A 87 11.34 -6.46 -5.68
N TYR A 88 11.72 -5.19 -5.77
CA TYR A 88 13.13 -4.81 -5.98
C TYR A 88 14.07 -5.20 -4.84
N GLU A 89 13.53 -5.61 -3.70
CA GLU A 89 14.35 -6.04 -2.57
C GLU A 89 14.78 -7.51 -2.75
N GLY A 90 14.19 -8.18 -3.73
CA GLY A 90 14.51 -9.57 -4.00
C GLY A 90 13.37 -10.53 -3.70
N TYR A 91 12.21 -9.96 -3.36
CA TYR A 91 11.04 -10.75 -3.01
C TYR A 91 10.08 -11.04 -4.14
N PRO A 92 9.67 -12.31 -4.30
CA PRO A 92 8.71 -12.59 -5.38
C PRO A 92 7.41 -12.02 -4.80
N PHE A 93 6.45 -11.72 -5.66
CA PHE A 93 5.21 -11.16 -5.16
C PHE A 93 4.53 -12.05 -4.12
N TRP A 94 4.73 -13.37 -4.17
CA TRP A 94 4.07 -14.21 -3.17
C TRP A 94 4.59 -13.95 -1.76
N LYS A 95 5.79 -13.38 -1.66
CA LYS A 95 6.37 -13.04 -0.36
C LYS A 95 5.89 -11.67 0.04
N VAL A 96 5.95 -10.75 -0.91
CA VAL A 96 5.53 -9.37 -0.67
C VAL A 96 4.14 -9.25 -0.08
N THR A 97 3.22 -10.07 -0.60
CA THR A 97 1.81 -10.04 -0.21
C THR A 97 1.41 -10.99 0.92
N PHE A 98 2.37 -11.78 1.41
CA PHE A 98 2.11 -12.74 2.50
C PHE A 98 1.23 -12.17 3.64
N PRO A 99 1.57 -10.98 4.17
CA PRO A 99 0.75 -10.43 5.26
C PRO A 99 -0.72 -10.30 4.88
N VAL A 100 -0.98 -9.88 3.65
CA VAL A 100 -2.35 -9.68 3.21
C VAL A 100 -3.23 -10.89 3.46
N ARG A 101 -2.77 -12.09 3.09
CA ARG A 101 -3.58 -13.28 3.36
C ARG A 101 -3.67 -13.58 4.84
N VAL A 102 -2.63 -13.24 5.59
CA VAL A 102 -2.68 -13.47 7.02
C VAL A 102 -3.76 -12.57 7.63
N PHE A 103 -3.87 -11.33 7.13
CA PHE A 103 -4.87 -10.38 7.64
C PHE A 103 -6.26 -10.95 7.45
N ARG A 104 -6.50 -11.53 6.29
CA ARG A 104 -7.80 -12.10 6.00
C ARG A 104 -8.08 -13.20 7.01
N LEU A 105 -7.07 -14.01 7.29
CA LEU A 105 -7.21 -15.10 8.23
C LEU A 105 -7.43 -14.56 9.66
N LEU A 106 -6.87 -13.38 9.95
CA LEU A 106 -7.01 -12.76 11.25
C LEU A 106 -8.43 -12.27 11.48
N GLY A 107 -9.19 -12.08 10.40
CA GLY A 107 -10.55 -11.59 10.56
C GLY A 107 -10.75 -10.17 10.03
N VAL A 108 -9.71 -9.62 9.39
CA VAL A 108 -9.74 -8.28 8.79
C VAL A 108 -10.69 -8.28 7.60
N GLU A 109 -11.43 -7.20 7.40
CA GLU A 109 -12.36 -7.13 6.27
C GLU A 109 -12.06 -6.05 5.25
N THR A 110 -11.30 -5.03 5.67
CA THR A 110 -10.97 -3.92 4.78
C THR A 110 -9.50 -3.59 4.84
N LEU A 111 -8.89 -3.41 3.68
CA LEU A 111 -7.48 -3.09 3.56
C LEU A 111 -7.27 -1.71 2.93
N VAL A 112 -6.54 -0.86 3.64
CA VAL A 112 -6.22 0.45 3.11
C VAL A 112 -4.73 0.43 2.80
N VAL A 113 -4.39 0.68 1.56
CA VAL A 113 -2.99 0.67 1.13
C VAL A 113 -2.53 2.09 0.92
N THR A 114 -1.29 2.40 1.24
CA THR A 114 -0.78 3.75 1.03
C THR A 114 0.60 3.60 0.46
N ASN A 115 1.11 4.65 -0.16
CA ASN A 115 2.45 4.61 -0.71
C ASN A 115 2.92 6.00 -1.09
N ALA A 116 4.21 6.14 -1.38
CA ALA A 116 4.78 7.39 -1.85
C ALA A 116 4.92 7.12 -3.35
N ALA A 117 4.44 8.04 -4.17
CA ALA A 117 4.49 7.89 -5.61
C ALA A 117 4.94 9.16 -6.27
N GLY A 118 5.60 9.04 -7.41
CA GLY A 118 6.02 10.22 -8.13
C GLY A 118 4.82 10.60 -8.98
N GLY A 119 4.54 11.88 -9.12
CA GLY A 119 3.40 12.30 -9.91
C GLY A 119 3.66 12.33 -11.40
N LEU A 120 2.71 11.80 -12.18
CA LEU A 120 2.78 11.78 -13.64
C LEU A 120 1.79 12.81 -14.19
N ASN A 121 0.68 12.97 -13.49
CA ASN A 121 -0.33 13.96 -13.88
C ASN A 121 0.32 15.32 -13.57
N PRO A 122 0.48 16.19 -14.58
CA PRO A 122 1.08 17.53 -14.43
C PRO A 122 0.41 18.47 -13.43
N ASN A 123 -0.83 18.18 -13.06
CA ASN A 123 -1.56 19.03 -12.11
C ASN A 123 -1.34 18.63 -10.66
N PHE A 124 -0.60 17.56 -10.42
CA PHE A 124 -0.34 17.09 -9.06
C PHE A 124 0.79 17.91 -8.48
N GLU A 125 0.76 18.11 -7.18
CA GLU A 125 1.83 18.84 -6.53
C GLU A 125 2.40 18.01 -5.44
N VAL A 126 3.68 18.21 -5.15
CA VAL A 126 4.30 17.47 -4.10
C VAL A 126 3.46 17.76 -2.85
N GLY A 127 3.05 16.71 -2.14
CA GLY A 127 2.23 16.89 -0.95
C GLY A 127 0.80 16.45 -1.17
N ASP A 128 0.38 16.47 -2.43
CA ASP A 128 -0.97 16.05 -2.80
C ASP A 128 -1.24 14.59 -2.40
N ILE A 129 -2.49 14.30 -2.03
CA ILE A 129 -2.85 12.94 -1.71
C ILE A 129 -3.76 12.54 -2.84
N MET A 130 -3.41 11.44 -3.50
CA MET A 130 -4.17 10.93 -4.62
C MET A 130 -4.91 9.64 -4.30
N LEU A 131 -6.23 9.69 -4.40
CA LEU A 131 -7.06 8.53 -4.17
C LEU A 131 -6.80 7.62 -5.35
N ILE A 132 -6.57 6.34 -5.06
CA ILE A 132 -6.32 5.38 -6.11
C ILE A 132 -7.67 4.84 -6.59
N ARG A 133 -8.05 5.27 -7.80
CA ARG A 133 -9.29 4.85 -8.43
C ARG A 133 -9.10 3.58 -9.23
N ASP A 134 -7.86 3.33 -9.65
CA ASP A 134 -7.58 2.17 -10.48
C ASP A 134 -6.08 2.03 -10.58
N HIS A 135 -5.61 0.93 -11.16
CA HIS A 135 -4.18 0.73 -11.36
C HIS A 135 -3.89 0.04 -12.67
N ILE A 136 -2.62 0.06 -13.03
CA ILE A 136 -2.12 -0.60 -14.22
C ILE A 136 -1.01 -1.46 -13.63
N ASN A 137 -1.11 -2.77 -13.78
CA ASN A 137 -0.10 -3.67 -13.23
C ASN A 137 0.92 -4.07 -14.29
N LEU A 138 2.02 -3.29 -14.43
CA LEU A 138 3.01 -3.61 -15.47
C LEU A 138 3.63 -4.99 -15.27
N PRO A 139 4.07 -5.32 -14.04
CA PRO A 139 4.67 -6.66 -13.86
C PRO A 139 3.67 -7.78 -14.23
N GLY A 140 2.39 -7.56 -13.92
CA GLY A 140 1.35 -8.52 -14.22
C GLY A 140 1.26 -8.83 -15.71
N PHE A 141 1.59 -7.83 -16.51
CA PHE A 141 1.55 -8.01 -17.96
C PHE A 141 2.49 -9.14 -18.37
N SER A 142 3.56 -9.36 -17.61
CA SER A 142 4.53 -10.40 -17.92
C SER A 142 4.32 -11.70 -17.17
N GLY A 143 3.32 -11.77 -16.30
CA GLY A 143 3.12 -12.99 -15.54
C GLY A 143 3.61 -12.89 -14.10
N GLU A 144 4.39 -11.86 -13.78
CA GLU A 144 4.89 -11.64 -12.40
C GLU A 144 3.64 -11.23 -11.65
N ASN A 145 3.02 -12.19 -10.99
CA ASN A 145 1.77 -11.96 -10.29
C ASN A 145 1.78 -12.81 -9.02
N PRO A 146 1.35 -12.25 -7.89
CA PRO A 146 1.35 -13.04 -6.65
C PRO A 146 0.41 -14.25 -6.71
N LEU A 147 -0.55 -14.23 -7.65
CA LEU A 147 -1.53 -15.32 -7.83
C LEU A 147 -1.05 -16.44 -8.74
N ARG A 148 0.08 -16.20 -9.38
CA ARG A 148 0.67 -17.19 -10.27
C ARG A 148 0.94 -18.51 -9.52
N GLY A 149 0.59 -19.62 -10.18
CA GLY A 149 0.77 -20.92 -9.59
C GLY A 149 -0.57 -21.53 -9.27
N PRO A 150 -0.58 -22.71 -8.66
CA PRO A 150 -1.83 -23.37 -8.30
C PRO A 150 -2.74 -22.43 -7.49
N ASN A 151 -4.05 -22.49 -7.73
CA ASN A 151 -4.98 -21.63 -6.98
C ASN A 151 -5.52 -22.27 -5.70
N GLU A 152 -5.56 -21.47 -4.64
CA GLU A 152 -6.06 -21.92 -3.35
C GLU A 152 -7.49 -21.42 -3.24
N GLU A 153 -8.44 -22.31 -3.50
CA GLU A 153 -9.85 -21.95 -3.45
C GLU A 153 -10.26 -21.47 -2.06
N ARG A 154 -9.47 -21.81 -1.04
CA ARG A 154 -9.77 -21.36 0.31
C ARG A 154 -9.53 -19.87 0.48
N PHE A 155 -8.83 -19.26 -0.46
CA PHE A 155 -8.60 -17.82 -0.44
C PHE A 155 -9.54 -17.18 -1.44
N GLY A 156 -9.50 -17.68 -2.68
CA GLY A 156 -10.35 -17.14 -3.71
C GLY A 156 -10.37 -17.99 -4.95
N VAL A 157 -10.91 -17.40 -6.02
CA VAL A 157 -11.07 -18.05 -7.32
C VAL A 157 -9.87 -17.91 -8.23
N ARG A 158 -9.80 -18.82 -9.20
CA ARG A 158 -8.71 -18.90 -10.19
C ARG A 158 -8.49 -17.61 -10.97
N PHE A 159 -9.57 -17.03 -11.49
CA PHE A 159 -9.49 -15.79 -12.25
C PHE A 159 -10.34 -14.68 -11.63
N PRO A 160 -9.81 -13.99 -10.60
CA PRO A 160 -10.60 -12.91 -9.97
C PRO A 160 -10.63 -11.66 -10.84
N ALA A 161 -11.76 -10.95 -10.81
CA ALA A 161 -11.92 -9.70 -11.55
C ALA A 161 -11.19 -8.57 -10.81
N MET A 162 -10.71 -7.59 -11.56
CA MET A 162 -9.97 -6.48 -10.95
C MET A 162 -10.53 -5.10 -11.34
N SER A 163 -11.59 -5.05 -12.15
CA SER A 163 -12.16 -3.78 -12.58
C SER A 163 -12.91 -2.99 -11.52
N ASP A 164 -13.22 -3.65 -10.40
CA ASP A 164 -13.94 -3.05 -9.28
C ASP A 164 -13.08 -3.09 -8.01
N ALA A 165 -11.78 -3.30 -8.19
CA ALA A 165 -10.85 -3.41 -7.07
C ALA A 165 -10.88 -2.32 -5.98
N TYR A 166 -10.94 -1.06 -6.38
CA TYR A 166 -10.94 0.00 -5.39
C TYR A 166 -12.34 0.50 -5.05
N ASP A 167 -12.87 -0.02 -3.95
CA ASP A 167 -14.21 0.30 -3.43
C ASP A 167 -14.66 1.76 -3.71
N ARG A 168 -15.72 1.92 -4.52
CA ARG A 168 -16.22 3.25 -4.85
C ARG A 168 -16.81 3.98 -3.66
N ASP A 169 -17.55 3.26 -2.85
CA ASP A 169 -18.16 3.87 -1.67
C ASP A 169 -17.10 4.58 -0.85
N MET A 170 -16.01 3.86 -0.54
CA MET A 170 -14.94 4.43 0.27
C MET A 170 -14.24 5.63 -0.32
N ARG A 171 -14.27 5.76 -1.64
CA ARG A 171 -13.64 6.90 -2.28
C ARG A 171 -14.58 8.09 -2.19
N GLN A 172 -15.87 7.80 -2.15
CA GLN A 172 -16.89 8.84 -2.04
C GLN A 172 -16.74 9.40 -0.64
N LYS A 173 -16.81 8.50 0.34
CA LYS A 173 -16.66 8.90 1.71
C LYS A 173 -15.35 9.68 1.89
N ALA A 174 -14.22 9.07 1.53
CA ALA A 174 -12.90 9.70 1.67
C ALA A 174 -12.91 11.14 1.21
N HIS A 175 -13.65 11.45 0.15
CA HIS A 175 -13.74 12.82 -0.36
C HIS A 175 -14.46 13.77 0.60
N SER A 176 -15.65 13.39 1.07
CA SER A 176 -16.38 14.22 2.02
C SER A 176 -15.57 14.35 3.33
N THR A 177 -14.92 13.26 3.76
CA THR A 177 -14.10 13.28 4.97
C THR A 177 -13.03 14.34 4.84
N TRP A 178 -12.54 14.50 3.61
CA TRP A 178 -11.51 15.49 3.28
C TRP A 178 -12.10 16.87 3.51
N LYS A 179 -13.39 17.04 3.16
CA LYS A 179 -14.06 18.33 3.34
C LYS A 179 -13.89 18.74 4.78
N GLN A 180 -14.18 17.81 5.69
CA GLN A 180 -14.05 18.06 7.13
C GLN A 180 -12.58 18.34 7.56
N MET A 181 -11.61 17.93 6.73
CA MET A 181 -10.19 18.14 7.03
C MET A 181 -9.81 19.59 7.21
N GLY A 182 -10.34 20.44 6.33
CA GLY A 182 -10.01 21.84 6.39
C GLY A 182 -8.73 22.07 5.61
N GLU A 183 -8.47 21.21 4.62
CA GLU A 183 -7.28 21.36 3.80
C GLU A 183 -7.56 22.31 2.64
N GLN A 184 -6.52 23.04 2.23
CA GLN A 184 -6.60 24.00 1.13
C GLN A 184 -6.79 23.24 -0.18
N ARG A 185 -5.76 22.48 -0.51
CA ARG A 185 -5.73 21.67 -1.72
C ARG A 185 -6.66 20.45 -1.56
N GLU A 186 -7.49 20.21 -2.58
CA GLU A 186 -8.44 19.10 -2.59
C GLU A 186 -7.77 17.74 -2.60
N LEU A 187 -8.59 16.70 -2.59
CA LEU A 187 -8.10 15.33 -2.61
C LEU A 187 -8.12 14.87 -4.04
N GLN A 188 -6.94 14.63 -4.60
CA GLN A 188 -6.84 14.18 -5.98
C GLN A 188 -7.34 12.75 -6.11
N GLU A 189 -7.40 12.28 -7.34
CA GLU A 189 -7.86 10.93 -7.61
C GLU A 189 -7.32 10.52 -8.97
N GLY A 190 -6.96 9.25 -9.13
CA GLY A 190 -6.44 8.82 -10.41
C GLY A 190 -5.94 7.37 -10.45
N THR A 191 -5.27 7.04 -11.57
CA THR A 191 -4.71 5.72 -11.84
C THR A 191 -3.23 5.62 -11.45
N TYR A 192 -2.91 4.63 -10.64
CA TYR A 192 -1.54 4.37 -10.18
C TYR A 192 -0.94 3.26 -11.02
N VAL A 193 0.29 3.46 -11.50
CA VAL A 193 0.92 2.42 -12.28
C VAL A 193 2.11 1.90 -11.46
N MET A 194 2.26 0.59 -11.39
CA MET A 194 3.37 0.01 -10.67
C MET A 194 4.36 -0.59 -11.65
N LEU A 195 5.64 -0.40 -11.38
CA LEU A 195 6.69 -1.01 -12.17
C LEU A 195 7.69 -1.55 -11.15
N GLY A 196 8.68 -2.30 -11.60
CA GLY A 196 9.62 -2.91 -10.67
C GLY A 196 10.58 -2.09 -9.84
N GLY A 197 11.33 -1.19 -10.49
CA GLY A 197 12.29 -0.40 -9.75
C GLY A 197 13.57 -1.22 -9.70
N PRO A 198 14.55 -0.89 -8.85
CA PRO A 198 14.61 0.21 -7.88
C PRO A 198 15.01 1.55 -8.44
N ASN A 199 15.52 1.58 -9.66
CA ASN A 199 15.93 2.85 -10.25
C ASN A 199 14.73 3.73 -10.58
N PHE A 200 14.94 5.03 -10.60
CA PHE A 200 13.85 5.93 -10.93
C PHE A 200 13.74 6.01 -12.45
N GLU A 201 12.60 6.47 -12.94
CA GLU A 201 12.32 6.56 -14.38
C GLU A 201 13.22 7.48 -15.19
N THR A 202 13.26 7.22 -16.50
CA THR A 202 13.99 8.06 -17.44
C THR A 202 12.91 9.01 -17.95
N VAL A 203 13.28 9.99 -18.76
CA VAL A 203 12.31 10.93 -19.32
C VAL A 203 11.36 10.21 -20.28
N ALA A 204 11.91 9.37 -21.15
CA ALA A 204 11.10 8.61 -22.12
C ALA A 204 10.06 7.71 -21.42
N GLU A 205 10.49 7.03 -20.38
CA GLU A 205 9.63 6.15 -19.62
C GLU A 205 8.49 6.96 -19.03
N CYS A 206 8.83 8.06 -18.36
CA CYS A 206 7.86 8.95 -17.75
C CYS A 206 6.81 9.39 -18.75
N ARG A 207 7.23 9.83 -19.93
CA ARG A 207 6.29 10.27 -20.95
C ARG A 207 5.41 9.12 -21.39
N LEU A 208 6.04 7.96 -21.53
CA LEU A 208 5.37 6.72 -21.93
C LEU A 208 4.28 6.33 -20.90
N LEU A 209 4.65 6.32 -19.63
CA LEU A 209 3.71 5.94 -18.57
C LEU A 209 2.50 6.87 -18.51
N ARG A 210 2.74 8.18 -18.65
CA ARG A 210 1.63 9.16 -18.62
C ARG A 210 0.68 8.91 -19.79
N ASN A 211 1.26 8.64 -20.95
CA ASN A 211 0.46 8.35 -22.13
C ASN A 211 -0.31 7.03 -22.01
N LEU A 212 0.02 6.22 -21.01
CA LEU A 212 -0.69 4.97 -20.79
C LEU A 212 -1.93 5.31 -19.96
N GLY A 213 -1.99 6.56 -19.50
CA GLY A 213 -3.12 7.00 -18.70
C GLY A 213 -2.86 6.94 -17.21
N ALA A 214 -1.59 7.00 -16.81
CA ALA A 214 -1.26 6.92 -15.40
C ALA A 214 -1.06 8.32 -14.84
N ASP A 215 -1.44 8.50 -13.57
CA ASP A 215 -1.32 9.77 -12.86
C ASP A 215 -0.17 9.75 -11.84
N ALA A 216 0.20 8.53 -11.43
CA ALA A 216 1.24 8.35 -10.45
C ALA A 216 1.88 6.99 -10.65
N VAL A 217 3.16 6.89 -10.31
CA VAL A 217 3.94 5.67 -10.47
C VAL A 217 4.73 5.28 -9.22
N GLY A 218 4.75 3.99 -8.92
CA GLY A 218 5.49 3.48 -7.78
C GLY A 218 5.98 2.06 -8.02
N MET A 219 6.53 1.45 -6.98
CA MET A 219 7.08 0.10 -7.09
C MET A 219 6.43 -0.83 -6.06
N SER A 220 5.20 -0.54 -5.68
CA SER A 220 4.51 -1.35 -4.69
C SER A 220 3.00 -1.27 -4.89
N THR A 221 2.30 -1.62 -3.81
CA THR A 221 0.85 -1.55 -3.73
C THR A 221 0.02 -2.48 -4.61
N VAL A 222 0.18 -2.39 -5.91
CA VAL A 222 -0.60 -3.22 -6.82
C VAL A 222 -0.68 -4.70 -6.47
N PRO A 223 0.45 -5.38 -6.18
CA PRO A 223 0.32 -6.81 -5.85
C PRO A 223 -0.46 -7.13 -4.57
N GLU A 224 -0.48 -6.17 -3.63
CA GLU A 224 -1.16 -6.34 -2.36
C GLU A 224 -2.66 -6.28 -2.60
N VAL A 225 -3.06 -5.36 -3.47
CA VAL A 225 -4.45 -5.14 -3.85
C VAL A 225 -5.01 -6.35 -4.60
N ILE A 226 -4.21 -6.93 -5.51
CA ILE A 226 -4.65 -8.11 -6.24
C ILE A 226 -4.89 -9.26 -5.28
N VAL A 227 -4.00 -9.46 -4.32
CA VAL A 227 -4.17 -10.53 -3.34
C VAL A 227 -5.36 -10.23 -2.42
N ALA A 228 -5.50 -8.98 -1.99
CA ALA A 228 -6.62 -8.57 -1.14
C ALA A 228 -7.95 -8.88 -1.84
N ARG A 229 -8.09 -8.46 -3.10
CA ARG A 229 -9.30 -8.72 -3.86
C ARG A 229 -9.53 -10.21 -4.03
N HIS A 230 -8.46 -10.93 -4.34
CA HIS A 230 -8.56 -12.37 -4.50
C HIS A 230 -9.23 -12.96 -3.28
N CYS A 231 -8.85 -12.54 -2.08
CA CYS A 231 -9.46 -13.14 -0.90
C CYS A 231 -10.68 -12.42 -0.37
N GLY A 232 -11.18 -11.48 -1.18
CA GLY A 232 -12.38 -10.76 -0.86
C GLY A 232 -12.32 -9.56 0.05
N LEU A 233 -11.15 -9.01 0.30
CA LEU A 233 -11.02 -7.83 1.17
C LEU A 233 -11.53 -6.57 0.45
N ARG A 234 -12.12 -5.64 1.20
CA ARG A 234 -12.57 -4.37 0.61
C ARG A 234 -11.31 -3.51 0.59
N VAL A 235 -10.97 -2.95 -0.56
CA VAL A 235 -9.73 -2.17 -0.70
C VAL A 235 -9.88 -0.67 -0.92
N PHE A 236 -9.10 0.12 -0.19
CA PHE A 236 -9.07 1.58 -0.33
C PHE A 236 -7.61 1.96 -0.32
N GLY A 237 -7.22 2.86 -1.20
CA GLY A 237 -5.81 3.21 -1.23
C GLY A 237 -5.51 4.61 -1.71
N PHE A 238 -4.37 5.14 -1.29
CA PHE A 238 -3.97 6.47 -1.70
C PHE A 238 -2.46 6.59 -1.77
N SER A 239 -2.00 7.47 -2.64
CA SER A 239 -0.58 7.76 -2.82
C SER A 239 -0.35 9.16 -2.36
N LEU A 240 0.78 9.41 -1.73
CA LEU A 240 1.15 10.75 -1.33
C LEU A 240 2.11 11.10 -2.48
N ILE A 241 1.85 12.18 -3.19
CA ILE A 241 2.73 12.57 -4.28
C ILE A 241 3.99 13.15 -3.67
N THR A 242 5.04 12.34 -3.60
CA THR A 242 6.30 12.77 -2.99
C THR A 242 7.26 13.55 -3.84
N ASN A 243 7.08 13.50 -5.15
CA ASN A 243 7.95 14.19 -6.09
C ASN A 243 7.28 14.12 -7.45
N LYS A 244 7.68 15.01 -8.35
CA LYS A 244 7.12 15.01 -9.68
C LYS A 244 8.19 14.39 -10.56
N VAL A 245 7.88 13.27 -11.21
CA VAL A 245 8.88 12.62 -12.03
C VAL A 245 9.32 13.58 -13.16
N ILE A 246 10.63 13.64 -13.40
CA ILE A 246 11.23 14.51 -14.42
C ILE A 246 10.81 14.11 -15.84
N MET A 247 10.09 14.99 -16.53
CA MET A 247 9.64 14.65 -17.87
C MET A 247 10.26 15.47 -18.97
N ASP A 248 11.44 16.00 -18.72
CA ASP A 248 12.12 16.78 -19.73
C ASP A 248 13.63 16.69 -19.54
N TYR A 249 14.34 16.70 -20.66
CA TYR A 249 15.79 16.55 -20.67
C TYR A 249 16.61 17.72 -20.11
N GLU A 250 15.96 18.82 -19.75
CA GLU A 250 16.70 19.95 -19.23
C GLU A 250 16.68 20.04 -17.71
N SER A 251 15.61 19.50 -17.11
CA SER A 251 15.45 19.54 -15.66
C SER A 251 16.68 19.06 -14.94
N GLN A 252 17.15 19.91 -14.04
CA GLN A 252 18.32 19.61 -13.22
C GLN A 252 17.80 18.65 -12.13
N GLY A 253 16.48 18.56 -12.04
CA GLY A 253 15.82 17.70 -11.06
C GLY A 253 16.18 16.24 -11.23
N LYS A 254 16.22 15.53 -10.10
CA LYS A 254 16.53 14.11 -10.06
C LYS A 254 15.80 13.52 -8.89
N ALA A 255 15.01 12.49 -9.17
CA ALA A 255 14.25 11.81 -8.14
C ALA A 255 15.22 11.21 -7.12
N ASN A 256 14.84 11.26 -5.84
CA ASN A 256 15.67 10.70 -4.80
C ASN A 256 14.88 10.30 -3.56
N HIS A 257 15.28 9.18 -2.98
CA HIS A 257 14.60 8.64 -1.81
C HIS A 257 14.62 9.57 -0.61
N GLU A 258 15.65 10.39 -0.52
CA GLU A 258 15.78 11.33 0.58
C GLU A 258 14.62 12.35 0.57
N GLU A 259 14.38 12.98 -0.58
CA GLU A 259 13.29 13.93 -0.71
C GLU A 259 11.94 13.25 -0.50
N VAL A 260 11.83 12.00 -0.94
CA VAL A 260 10.60 11.23 -0.80
C VAL A 260 10.24 11.05 0.67
N LEU A 261 11.21 10.64 1.47
CA LEU A 261 10.98 10.46 2.91
C LEU A 261 10.65 11.79 3.58
N GLU A 262 11.31 12.85 3.13
CA GLU A 262 11.07 14.19 3.66
C GLU A 262 9.62 14.62 3.39
N ALA A 263 9.14 14.43 2.16
CA ALA A 263 7.77 14.78 1.80
C ALA A 263 6.80 13.96 2.65
N GLY A 264 7.15 12.71 2.92
CA GLY A 264 6.31 11.84 3.74
C GLY A 264 6.17 12.39 5.15
N LYS A 265 7.29 12.88 5.69
CA LYS A 265 7.30 13.46 7.03
C LYS A 265 6.46 14.73 7.11
N GLN A 266 6.57 15.56 6.07
CA GLN A 266 5.82 16.81 6.02
C GLN A 266 4.33 16.61 5.82
N ALA A 267 3.92 15.37 5.50
CA ALA A 267 2.52 15.07 5.26
C ALA A 267 1.91 14.02 6.17
N ALA A 268 2.74 13.33 6.96
CA ALA A 268 2.24 12.29 7.86
C ALA A 268 1.20 12.78 8.89
N GLN A 269 1.19 14.09 9.13
CA GLN A 269 0.25 14.74 10.06
C GLN A 269 -1.13 14.79 9.40
N LYS A 270 -1.17 15.42 8.23
CA LYS A 270 -2.37 15.54 7.42
C LYS A 270 -2.91 14.13 7.19
N LEU A 271 -2.00 13.21 6.91
CA LEU A 271 -2.35 11.82 6.67
C LEU A 271 -2.83 11.14 7.95
N GLU A 272 -2.23 11.52 9.08
CA GLU A 272 -2.58 10.96 10.40
C GLU A 272 -4.08 11.12 10.71
N GLN A 273 -4.56 12.35 10.58
CA GLN A 273 -5.95 12.66 10.86
C GLN A 273 -6.89 12.11 9.80
N PHE A 274 -6.53 12.23 8.53
CA PHE A 274 -7.37 11.72 7.44
C PHE A 274 -7.68 10.24 7.63
N VAL A 275 -6.64 9.42 7.77
CA VAL A 275 -6.83 8.00 7.97
C VAL A 275 -7.62 7.67 9.25
N SER A 276 -7.44 8.46 10.32
CA SER A 276 -8.16 8.23 11.58
C SER A 276 -9.62 8.66 11.48
N LEU A 277 -9.86 9.86 10.97
CA LEU A 277 -11.21 10.37 10.81
C LEU A 277 -11.88 9.36 9.86
N LEU A 278 -11.10 8.89 8.89
CA LEU A 278 -11.57 7.92 7.92
C LEU A 278 -12.04 6.64 8.61
N MET A 279 -11.38 6.32 9.73
CA MET A 279 -11.73 5.13 10.52
C MET A 279 -13.17 5.22 11.03
MG MG B . -1.69 -4.78 25.16
P PO4 C . 6.42 2.70 -1.25
O1 PO4 C . 6.43 1.58 -0.33
O2 PO4 C . 5.93 2.36 -2.55
O3 PO4 C . 5.65 3.70 -0.62
O4 PO4 C . 7.73 3.20 -1.38
O5' IMG D . 11.59 6.52 -2.98
C5' IMG D . 11.34 5.28 -3.64
C4' IMG D . 10.32 4.30 -3.01
N4' IMG D . 9.11 5.14 -2.92
C3' IMG D . 9.85 3.06 -3.83
O3' IMG D . 9.30 1.97 -3.03
C2' IMG D . 8.71 3.60 -4.75
O2' IMG D . 7.58 2.72 -4.79
C1' IMG D . 8.29 4.95 -4.12
C9 IMG D . 8.50 6.23 -5.10
C8 IMG D . 8.55 7.51 -4.71
N7 IMG D . 8.74 8.35 -5.86
C5 IMG D . 8.82 7.45 -6.95
C6 IMG D . 9.00 7.81 -8.36
O6 IMG D . 9.20 8.92 -8.88
N1 IMG D . 9.01 6.65 -9.11
N2 IMG D . 8.71 4.32 -9.55
C2 IMG D . 8.84 5.35 -8.63
N3 IMG D . 8.67 5.11 -7.34
C4 IMG D . 8.66 6.18 -6.54
#